data_6MWK
#
_entry.id   6MWK
#
_cell.length_a   117.330
_cell.length_b   68.040
_cell.length_c   60.670
_cell.angle_alpha   90.000
_cell.angle_beta   96.460
_cell.angle_gamma   90.000
#
_symmetry.space_group_name_H-M   'C 1 2 1'
#
loop_
_entity.id
_entity.type
_entity.pdbx_description
1 polymer '2-C-methyl-D-erythritol 2,4-cyclodiphosphate synthase'
2 non-polymer 'ZINC ION'
3 non-polymer 4-amino-N-(6-methoxypyrimidin-4-yl)benzene-1-sulfonamide
4 non-polymer 'DIMETHYL SULFOXIDE'
5 non-polymer 'MAGNESIUM ION'
6 non-polymer 'MALONIC ACID'
7 water water
#
_entity_poly.entity_id   1
_entity_poly.type   'polypeptide(L)'
_entity_poly.pdbx_seq_one_letter_code
;GPGSMDFRIGQGYDVHQLVPGRPLIIGGVTIPYERGLLGHSDADVLLHAITDALFGAAALGDIGRHFSDTDPRFKGADSR
ALLRECASRVAQAGFAIRNVDSTIIAQAPKLAPHIDAMRANIAADLDLPLDRVNVKAKTNEKLGYLGRGEGIEAQAAALV
VREAAA
;
_entity_poly.pdbx_strand_id   A,B,C
#
loop_
_chem_comp.id
_chem_comp.type
_chem_comp.name
_chem_comp.formula
DMS non-polymer 'DIMETHYL SULFOXIDE' 'C2 H6 O S'
K4Y non-polymer 4-amino-N-(6-methoxypyrimidin-4-yl)benzene-1-sulfonamide 'C11 H12 N4 O3 S'
MG non-polymer 'MAGNESIUM ION' 'Mg 2'
MLA non-polymer 'MALONIC ACID' 'C3 H4 O4'
ZN non-polymer 'ZINC ION' 'Zn 2'
#
# COMPACT_ATOMS: atom_id res chain seq x y z
N SER A 4 -5.02 -3.55 -24.62
CA SER A 4 -3.63 -3.68 -25.08
C SER A 4 -2.74 -4.33 -24.02
N MET A 5 -1.48 -3.92 -24.01
CA MET A 5 -0.52 -4.28 -22.96
C MET A 5 -0.01 -3.04 -22.23
N ASP A 6 -0.69 -1.90 -22.38
CA ASP A 6 -0.28 -0.68 -21.70
C ASP A 6 -0.96 -0.62 -20.33
N PHE A 7 -0.51 -1.52 -19.46
CA PHE A 7 -1.01 -1.60 -18.09
C PHE A 7 -0.46 -0.48 -17.21
N ARG A 8 -1.26 -0.10 -16.21
CA ARG A 8 -0.86 0.89 -15.21
C ARG A 8 -1.42 0.46 -13.87
N ILE A 9 -0.69 0.78 -12.79
CA ILE A 9 -1.17 0.47 -11.45
CA ILE A 9 -1.10 0.45 -11.42
C ILE A 9 -1.36 1.74 -10.65
N GLY A 10 -2.32 1.68 -9.72
CA GLY A 10 -2.60 2.81 -8.84
C GLY A 10 -2.81 2.30 -7.43
N GLN A 11 -2.61 3.20 -6.46
CA GLN A 11 -2.80 2.83 -5.07
C GLN A 11 -3.50 3.96 -4.34
N GLY A 12 -4.28 3.61 -3.33
CA GLY A 12 -5.06 4.61 -2.62
C GLY A 12 -5.05 4.37 -1.13
N TYR A 13 -5.24 5.46 -0.40
CA TYR A 13 -5.27 5.48 1.06
C TYR A 13 -6.35 6.45 1.51
N ASP A 14 -7.10 6.10 2.55
CA ASP A 14 -7.96 7.10 3.17
C ASP A 14 -8.18 6.75 4.64
N VAL A 15 -8.53 7.76 5.43
CA VAL A 15 -8.93 7.55 6.82
C VAL A 15 -9.96 8.61 7.19
N HIS A 16 -10.93 8.23 8.03
CA HIS A 16 -11.89 9.18 8.58
C HIS A 16 -12.09 8.86 10.05
N GLN A 17 -12.32 9.90 10.85
CA GLN A 17 -12.70 9.74 12.24
C GLN A 17 -14.07 9.10 12.36
N LEU A 18 -14.22 8.32 13.42
CA LEU A 18 -15.47 7.70 13.80
CA LEU A 18 -15.48 7.71 13.80
C LEU A 18 -16.10 8.53 14.92
N VAL A 19 -17.30 9.06 14.69
CA VAL A 19 -17.91 9.99 15.65
C VAL A 19 -19.39 9.67 15.81
N PRO A 20 -19.98 10.07 16.93
CA PRO A 20 -21.43 9.89 17.07
C PRO A 20 -22.20 10.79 16.11
N GLY A 21 -23.42 10.36 15.78
CA GLY A 21 -24.36 11.21 15.07
C GLY A 21 -24.19 11.31 13.57
N ARG A 22 -23.43 10.39 12.97
CA ARG A 22 -23.18 10.27 11.53
C ARG A 22 -23.58 8.87 11.10
N PRO A 23 -24.11 8.71 9.89
CA PRO A 23 -24.29 7.36 9.33
C PRO A 23 -22.94 6.70 9.10
N LEU A 24 -22.89 5.39 9.30
CA LEU A 24 -21.70 4.61 8.97
C LEU A 24 -21.92 4.00 7.59
N ILE A 25 -21.23 4.55 6.58
CA ILE A 25 -21.36 4.12 5.20
C ILE A 25 -19.98 3.73 4.71
N ILE A 26 -19.80 2.44 4.42
CA ILE A 26 -18.54 1.90 3.93
C ILE A 26 -18.85 1.03 2.73
N GLY A 27 -18.14 1.27 1.62
CA GLY A 27 -18.40 0.49 0.42
C GLY A 27 -19.81 0.68 -0.09
N GLY A 28 -20.40 1.84 0.14
CA GLY A 28 -21.79 2.09 -0.24
C GLY A 28 -22.82 1.48 0.69
N VAL A 29 -22.41 0.73 1.71
CA VAL A 29 -23.34 0.02 2.59
C VAL A 29 -23.57 0.85 3.85
N THR A 30 -24.85 1.08 4.18
CA THR A 30 -25.18 1.75 5.43
C THR A 30 -25.23 0.68 6.52
N ILE A 31 -24.27 0.74 7.42
CA ILE A 31 -24.06 -0.29 8.43
C ILE A 31 -24.63 0.20 9.75
N PRO A 32 -25.47 -0.60 10.42
CA PRO A 32 -26.03 -0.17 11.72
C PRO A 32 -24.93 -0.05 12.75
N TYR A 33 -24.83 1.12 13.38
CA TYR A 33 -23.76 1.38 14.33
C TYR A 33 -24.03 2.72 15.01
N GLU A 34 -23.65 2.80 16.28
CA GLU A 34 -23.88 4.03 17.04
C GLU A 34 -23.01 5.20 16.60
N ARG A 35 -21.97 4.96 15.80
CA ARG A 35 -21.12 6.03 15.31
C ARG A 35 -21.04 5.93 13.79
N GLY A 36 -20.58 7.00 13.15
CA GLY A 36 -20.37 6.99 11.71
C GLY A 36 -19.11 7.75 11.39
N LEU A 37 -18.76 7.79 10.10
CA LEU A 37 -17.51 8.43 9.71
C LEU A 37 -17.73 9.92 9.43
N LEU A 38 -16.79 10.74 9.88
CA LEU A 38 -16.90 12.19 9.75
C LEU A 38 -16.24 12.67 8.46
N GLY A 39 -16.99 13.39 7.64
CA GLY A 39 -16.37 13.97 6.46
C GLY A 39 -17.31 14.96 5.81
N HIS A 40 -16.77 15.69 4.84
CA HIS A 40 -17.61 16.62 4.08
C HIS A 40 -18.64 15.85 3.26
N SER A 41 -18.22 14.75 2.64
CA SER A 41 -19.10 13.88 1.87
C SER A 41 -19.79 12.90 2.82
N ASP A 42 -20.35 11.81 2.30
CA ASP A 42 -20.82 10.78 3.21
C ASP A 42 -19.66 10.06 3.90
N ALA A 43 -18.41 10.43 3.59
CA ALA A 43 -17.23 9.98 4.33
C ALA A 43 -16.92 8.50 4.12
N ASP A 44 -17.30 7.95 2.97
CA ASP A 44 -17.12 6.53 2.69
C ASP A 44 -15.64 6.22 2.42
N VAL A 45 -14.92 5.79 3.47
CA VAL A 45 -13.46 5.70 3.42
C VAL A 45 -12.99 4.67 2.37
N LEU A 46 -13.74 3.57 2.22
CA LEU A 46 -13.35 2.54 1.26
C LEU A 46 -13.50 3.07 -0.17
N LEU A 47 -14.64 3.69 -0.49
CA LEU A 47 -14.77 4.17 -1.87
C LEU A 47 -13.77 5.27 -2.18
N HIS A 48 -13.42 6.10 -1.19
CA HIS A 48 -12.46 7.15 -1.47
C HIS A 48 -11.11 6.57 -1.79
N ALA A 49 -10.70 5.53 -1.04
CA ALA A 49 -9.40 4.93 -1.31
C ALA A 49 -9.37 4.34 -2.72
N ILE A 50 -10.44 3.66 -3.11
CA ILE A 50 -10.52 3.06 -4.44
C ILE A 50 -10.53 4.15 -5.50
N THR A 51 -11.29 5.22 -5.26
CA THR A 51 -11.30 6.37 -6.18
C THR A 51 -9.90 6.91 -6.40
N ASP A 52 -9.12 7.06 -5.31
CA ASP A 52 -7.76 7.57 -5.45
C ASP A 52 -6.88 6.58 -6.22
N ALA A 53 -7.07 5.28 -5.99
CA ALA A 53 -6.29 4.29 -6.72
C ALA A 53 -6.58 4.36 -8.22
N LEU A 54 -7.83 4.60 -8.58
CA LEU A 54 -8.17 4.65 -10.01
C LEU A 54 -7.63 5.94 -10.64
N PHE A 55 -7.88 7.09 -10.02
CA PHE A 55 -7.26 8.31 -10.53
C PHE A 55 -5.76 8.16 -10.63
N GLY A 56 -5.15 7.47 -9.67
CA GLY A 56 -3.70 7.38 -9.66
C GLY A 56 -3.17 6.52 -10.79
N ALA A 57 -3.83 5.37 -11.06
CA ALA A 57 -3.43 4.51 -12.17
C ALA A 57 -3.51 5.25 -13.51
N ALA A 58 -4.49 6.14 -13.67
CA ALA A 58 -4.64 6.90 -14.91
C ALA A 58 -3.81 8.19 -14.93
N ALA A 59 -3.03 8.45 -13.88
CA ALA A 59 -2.24 9.69 -13.74
C ALA A 59 -3.14 10.92 -13.87
N LEU A 60 -4.30 10.88 -13.20
CA LEU A 60 -5.25 11.97 -13.22
C LEU A 60 -5.32 12.76 -11.91
N GLY A 61 -4.36 12.57 -11.02
CA GLY A 61 -4.36 13.30 -9.76
C GLY A 61 -5.02 12.49 -8.66
N ASP A 62 -5.97 13.10 -7.95
CA ASP A 62 -6.58 12.43 -6.80
C ASP A 62 -7.98 12.97 -6.58
N ILE A 63 -8.63 12.47 -5.53
CA ILE A 63 -10.04 12.78 -5.34
C ILE A 63 -10.20 14.25 -4.99
N GLY A 64 -9.22 14.84 -4.27
CA GLY A 64 -9.28 16.26 -3.96
C GLY A 64 -9.19 17.16 -5.17
N ARG A 65 -8.44 16.73 -6.19
CA ARG A 65 -8.36 17.51 -7.43
C ARG A 65 -9.69 17.51 -8.17
N HIS A 66 -10.38 16.36 -8.18
CA HIS A 66 -11.57 16.23 -9.00
C HIS A 66 -12.84 16.63 -8.27
N PHE A 67 -12.89 16.46 -6.95
CA PHE A 67 -14.12 16.70 -6.17
C PHE A 67 -13.72 17.43 -4.89
N SER A 68 -13.73 18.75 -4.94
CA SER A 68 -13.22 19.57 -3.84
C SER A 68 -13.93 19.30 -2.52
N ASP A 69 -13.12 19.07 -1.47
CA ASP A 69 -13.60 18.86 -0.11
C ASP A 69 -14.26 20.09 0.49
N THR A 70 -14.14 21.24 -0.16
CA THR A 70 -14.75 22.46 0.33
C THR A 70 -15.85 22.97 -0.59
N ASP A 71 -16.15 22.25 -1.67
CA ASP A 71 -17.21 22.63 -2.56
C ASP A 71 -18.55 22.26 -1.93
N PRO A 72 -19.47 23.22 -1.74
CA PRO A 72 -20.78 22.88 -1.15
C PRO A 72 -21.55 21.83 -1.93
N ARG A 73 -21.32 21.71 -3.23
CA ARG A 73 -22.07 20.73 -4.02
C ARG A 73 -21.78 19.31 -3.59
N PHE A 74 -20.71 19.09 -2.83
CA PHE A 74 -20.35 17.76 -2.38
C PHE A 74 -20.67 17.51 -0.92
N LYS A 75 -21.37 18.44 -0.24
CA LYS A 75 -21.73 18.19 1.15
C LYS A 75 -22.68 17.01 1.23
N GLY A 76 -22.30 15.99 1.99
CA GLY A 76 -23.06 14.76 2.06
C GLY A 76 -23.06 13.93 0.79
N ALA A 77 -22.16 14.20 -0.15
CA ALA A 77 -22.18 13.54 -1.44
C ALA A 77 -22.17 12.02 -1.30
N ASP A 78 -22.97 11.37 -2.14
CA ASP A 78 -22.93 9.91 -2.33
C ASP A 78 -21.59 9.53 -2.97
N SER A 79 -20.74 8.83 -2.21
CA SER A 79 -19.42 8.49 -2.72
C SER A 79 -19.47 7.42 -3.81
N ARG A 80 -20.59 6.70 -3.96
CA ARG A 80 -20.73 5.83 -5.12
C ARG A 80 -20.92 6.65 -6.39
N ALA A 81 -21.66 7.74 -6.30
CA ALA A 81 -21.80 8.62 -7.45
C ALA A 81 -20.44 9.22 -7.82
N LEU A 82 -19.66 9.60 -6.82
CA LEU A 82 -18.32 10.10 -7.08
C LEU A 82 -17.43 9.01 -7.69
N LEU A 83 -17.52 7.78 -7.17
CA LEU A 83 -16.78 6.68 -7.77
C LEU A 83 -17.16 6.46 -9.22
N ARG A 84 -18.47 6.49 -9.52
CA ARG A 84 -18.89 6.31 -10.91
C ARG A 84 -18.36 7.43 -11.82
N GLU A 85 -18.29 8.67 -11.32
CA GLU A 85 -17.75 9.75 -12.16
C GLU A 85 -16.24 9.61 -12.31
N CYS A 86 -15.57 9.16 -11.26
CA CYS A 86 -14.15 8.81 -11.38
C CYS A 86 -13.95 7.81 -12.50
N ALA A 87 -14.74 6.72 -12.49
CA ALA A 87 -14.60 5.67 -13.50
C ALA A 87 -14.89 6.21 -14.88
N SER A 88 -15.85 7.13 -14.99
CA SER A 88 -16.15 7.76 -16.27
C SER A 88 -14.97 8.58 -16.77
N ARG A 89 -14.30 9.31 -15.88
CA ARG A 89 -13.16 10.11 -16.32
C ARG A 89 -11.98 9.22 -16.66
N VAL A 90 -11.79 8.14 -15.90
CA VAL A 90 -10.71 7.19 -16.21
C VAL A 90 -10.93 6.56 -17.58
N ALA A 91 -12.19 6.22 -17.88
CA ALA A 91 -12.52 5.71 -19.21
C ALA A 91 -12.29 6.78 -20.27
N GLN A 92 -12.68 8.03 -19.98
CA GLN A 92 -12.49 9.11 -20.94
C GLN A 92 -11.01 9.37 -21.22
N ALA A 93 -10.15 9.10 -20.25
CA ALA A 93 -8.71 9.18 -20.47
C ALA A 93 -8.18 8.01 -21.30
N GLY A 94 -9.01 7.00 -21.55
CA GLY A 94 -8.66 5.89 -22.42
C GLY A 94 -8.36 4.58 -21.74
N PHE A 95 -8.67 4.44 -20.45
CA PHE A 95 -8.28 3.26 -19.67
C PHE A 95 -9.49 2.38 -19.39
N ALA A 96 -9.28 1.07 -19.46
CA ALA A 96 -10.24 0.11 -18.94
C ALA A 96 -9.74 -0.42 -17.61
N ILE A 97 -10.66 -0.65 -16.68
CA ILE A 97 -10.28 -1.15 -15.36
C ILE A 97 -10.17 -2.67 -15.42
N ARG A 98 -9.08 -3.23 -14.90
CA ARG A 98 -8.94 -4.68 -14.92
C ARG A 98 -9.24 -5.33 -13.57
N ASN A 99 -8.85 -4.73 -12.45
CA ASN A 99 -9.26 -5.26 -11.16
C ASN A 99 -8.98 -4.26 -10.06
N VAL A 100 -9.63 -4.47 -8.92
CA VAL A 100 -9.48 -3.67 -7.72
C VAL A 100 -9.32 -4.61 -6.55
N ASP A 101 -8.37 -4.32 -5.67
CA ASP A 101 -8.27 -4.99 -4.37
C ASP A 101 -8.24 -3.91 -3.29
N SER A 102 -8.70 -4.25 -2.10
CA SER A 102 -8.79 -3.22 -1.07
C SER A 102 -8.78 -3.86 0.30
N THR A 103 -8.49 -3.03 1.32
CA THR A 103 -8.53 -3.43 2.73
C THR A 103 -9.21 -2.35 3.56
N ILE A 104 -10.08 -2.78 4.49
CA ILE A 104 -10.64 -1.91 5.51
C ILE A 104 -10.00 -2.31 6.83
N ILE A 105 -9.57 -1.33 7.62
CA ILE A 105 -9.00 -1.59 8.94
CA ILE A 105 -9.01 -1.60 8.93
C ILE A 105 -9.89 -0.90 9.97
N ALA A 106 -10.53 -1.69 10.84
CA ALA A 106 -11.44 -1.17 11.86
C ALA A 106 -11.47 -2.10 13.05
N GLN A 107 -11.55 -1.51 14.26
CA GLN A 107 -11.76 -2.30 15.47
C GLN A 107 -13.20 -2.82 15.54
N ALA A 108 -14.14 -2.08 14.99
CA ALA A 108 -15.57 -2.36 15.11
C ALA A 108 -16.30 -1.45 14.14
N PRO A 109 -17.53 -1.82 13.72
CA PRO A 109 -18.23 -3.06 14.02
C PRO A 109 -17.65 -4.20 13.21
N LYS A 110 -18.21 -5.41 13.36
CA LYS A 110 -17.79 -6.51 12.51
C LYS A 110 -18.25 -6.26 11.08
N LEU A 111 -17.31 -6.31 10.13
CA LEU A 111 -17.62 -5.99 8.74
C LEU A 111 -17.82 -7.21 7.86
N ALA A 112 -17.44 -8.40 8.33
CA ALA A 112 -17.64 -9.60 7.51
C ALA A 112 -19.06 -9.75 6.96
N PRO A 113 -20.13 -9.48 7.73
CA PRO A 113 -21.49 -9.63 7.16
C PRO A 113 -21.80 -8.69 6.02
N HIS A 114 -20.98 -7.66 5.79
CA HIS A 114 -21.30 -6.61 4.83
C HIS A 114 -20.37 -6.59 3.62
N ILE A 115 -19.30 -7.39 3.64
CA ILE A 115 -18.25 -7.33 2.63
C ILE A 115 -18.79 -7.67 1.25
N ASP A 116 -19.61 -8.74 1.15
CA ASP A 116 -20.12 -9.13 -0.17
C ASP A 116 -20.97 -8.02 -0.76
N ALA A 117 -21.77 -7.35 0.08
CA ALA A 117 -22.57 -6.23 -0.41
C ALA A 117 -21.67 -5.08 -0.89
N MET A 118 -20.58 -4.82 -0.19
CA MET A 118 -19.63 -3.79 -0.62
C MET A 118 -19.02 -4.14 -1.96
N ARG A 119 -18.54 -5.38 -2.10
CA ARG A 119 -17.97 -5.83 -3.36
CA ARG A 119 -17.98 -5.85 -3.35
C ARG A 119 -18.95 -5.65 -4.50
N ALA A 120 -20.23 -6.02 -4.28
CA ALA A 120 -21.24 -5.89 -5.33
C ALA A 120 -21.46 -4.43 -5.71
N ASN A 121 -21.46 -3.54 -4.73
CA ASN A 121 -21.62 -2.11 -5.03
C ASN A 121 -20.46 -1.62 -5.90
N ILE A 122 -19.23 -1.93 -5.49
CA ILE A 122 -18.06 -1.46 -6.21
C ILE A 122 -18.06 -2.00 -7.64
N ALA A 123 -18.35 -3.30 -7.78
CA ALA A 123 -18.38 -3.93 -9.09
C ALA A 123 -19.41 -3.24 -10.00
N ALA A 124 -20.60 -2.97 -9.45
CA ALA A 124 -21.62 -2.28 -10.23
C ALA A 124 -21.13 -0.90 -10.66
N ASP A 125 -20.52 -0.16 -9.73
CA ASP A 125 -20.11 1.22 -10.04
C ASP A 125 -18.97 1.25 -11.06
N LEU A 126 -18.14 0.22 -11.10
CA LEU A 126 -17.02 0.17 -12.02
C LEU A 126 -17.33 -0.64 -13.27
N ASP A 127 -18.56 -1.13 -13.41
CA ASP A 127 -18.94 -1.99 -14.54
C ASP A 127 -18.01 -3.18 -14.64
N LEU A 128 -17.76 -3.82 -13.50
CA LEU A 128 -16.93 -5.02 -13.40
C LEU A 128 -17.75 -6.22 -12.93
N PRO A 129 -17.38 -7.44 -13.34
CA PRO A 129 -17.93 -8.64 -12.70
C PRO A 129 -17.36 -8.76 -11.30
N LEU A 130 -18.08 -9.52 -10.47
CA LEU A 130 -17.68 -9.65 -9.07
C LEU A 130 -16.27 -10.24 -8.93
N ASP A 131 -15.85 -11.11 -9.85
CA ASP A 131 -14.56 -11.78 -9.76
CA ASP A 131 -14.56 -11.76 -9.65
C ASP A 131 -13.37 -10.88 -10.07
N ARG A 132 -13.59 -9.58 -10.35
CA ARG A 132 -12.49 -8.64 -10.52
C ARG A 132 -12.45 -7.61 -9.40
N VAL A 133 -13.19 -7.83 -8.32
CA VAL A 133 -13.28 -6.86 -7.22
C VAL A 133 -13.10 -7.61 -5.91
N ASN A 134 -12.24 -7.06 -5.04
CA ASN A 134 -11.96 -7.73 -3.77
C ASN A 134 -11.95 -6.71 -2.64
N VAL A 135 -12.57 -7.07 -1.52
CA VAL A 135 -12.59 -6.25 -0.32
C VAL A 135 -12.16 -7.14 0.85
N LYS A 136 -11.11 -6.71 1.57
CA LYS A 136 -10.59 -7.40 2.74
C LYS A 136 -10.86 -6.56 3.99
N ALA A 137 -11.10 -7.22 5.11
CA ALA A 137 -11.42 -6.50 6.34
C ALA A 137 -10.58 -7.05 7.49
N LYS A 138 -9.85 -6.15 8.16
CA LYS A 138 -8.91 -6.52 9.23
C LYS A 138 -9.15 -5.62 10.43
N THR A 139 -8.72 -6.07 11.61
CA THR A 139 -8.53 -5.14 12.71
C THR A 139 -7.11 -4.61 12.65
N ASN A 140 -6.80 -3.65 13.53
CA ASN A 140 -5.42 -3.23 13.70
C ASN A 140 -4.75 -3.85 14.93
N GLU A 141 -5.24 -5.02 15.35
CA GLU A 141 -4.65 -5.78 16.47
C GLU A 141 -4.42 -4.89 17.70
N LYS A 142 -5.42 -4.07 18.01
CA LYS A 142 -5.47 -3.26 19.22
C LYS A 142 -4.45 -2.12 19.24
N LEU A 143 -3.80 -1.79 18.14
CA LEU A 143 -2.73 -0.80 18.15
C LEU A 143 -3.18 0.57 17.63
N GLY A 144 -2.76 1.61 18.32
CA GLY A 144 -2.91 2.96 17.79
C GLY A 144 -4.35 3.45 17.79
N TYR A 145 -4.56 4.57 17.10
CA TYR A 145 -5.90 5.15 17.06
C TYR A 145 -6.90 4.22 16.38
N LEU A 146 -6.43 3.38 15.46
CA LEU A 146 -7.35 2.39 14.88
C LEU A 146 -7.74 1.36 15.92
N GLY A 147 -6.78 0.92 16.73
CA GLY A 147 -7.10 -0.01 17.79
C GLY A 147 -8.06 0.55 18.81
N ARG A 148 -8.00 1.86 19.03
CA ARG A 148 -8.86 2.54 20.00
C ARG A 148 -10.21 2.92 19.40
N GLY A 149 -10.45 2.56 18.15
CA GLY A 149 -11.72 2.82 17.49
C GLY A 149 -11.98 4.28 17.17
N GLU A 150 -10.92 5.07 17.00
CA GLU A 150 -11.08 6.51 16.77
C GLU A 150 -11.30 6.84 15.31
N GLY A 151 -10.97 5.91 14.41
CA GLY A 151 -11.21 6.09 12.99
C GLY A 151 -11.19 4.76 12.30
N ILE A 152 -11.44 4.79 10.99
CA ILE A 152 -11.37 3.62 10.13
C ILE A 152 -10.52 3.99 8.93
N GLU A 153 -9.62 3.09 8.53
CA GLU A 153 -8.71 3.28 7.41
C GLU A 153 -9.12 2.37 6.25
N ALA A 154 -8.85 2.81 5.03
CA ALA A 154 -8.98 1.93 3.87
C ALA A 154 -7.74 2.05 2.99
N GLN A 155 -7.38 0.93 2.36
CA GLN A 155 -6.31 0.87 1.36
C GLN A 155 -6.87 0.25 0.08
N ALA A 156 -6.30 0.62 -1.06
CA ALA A 156 -6.77 0.05 -2.33
C ALA A 156 -5.64 -0.03 -3.35
N ALA A 157 -5.80 -0.96 -4.29
CA ALA A 157 -4.89 -1.08 -5.41
C ALA A 157 -5.76 -1.31 -6.64
N ALA A 158 -5.34 -0.77 -7.78
CA ALA A 158 -6.12 -0.94 -9.00
C ALA A 158 -5.18 -1.13 -10.17
N LEU A 159 -5.54 -2.05 -11.06
CA LEU A 159 -4.85 -2.24 -12.33
C LEU A 159 -5.78 -1.83 -13.47
N VAL A 160 -5.27 -0.97 -14.37
CA VAL A 160 -5.99 -0.54 -15.55
C VAL A 160 -5.11 -0.80 -16.76
N VAL A 161 -5.69 -0.63 -17.96
CA VAL A 161 -4.94 -0.77 -19.20
C VAL A 161 -5.45 0.27 -20.18
N ARG A 162 -4.53 0.99 -20.83
CA ARG A 162 -4.96 1.99 -21.81
C ARG A 162 -5.24 1.28 -23.11
N GLU A 163 -6.47 1.40 -23.60
CA GLU A 163 -6.91 0.65 -24.77
C GLU A 163 -6.41 1.26 -26.08
N SER B 4 7.77 -6.61 -23.32
CA SER B 4 7.29 -7.99 -23.30
C SER B 4 5.97 -8.11 -22.53
N MET B 5 5.80 -9.26 -21.88
CA MET B 5 4.66 -9.53 -21.00
C MET B 5 5.12 -9.82 -19.58
N ASP B 6 6.39 -9.63 -19.26
CA ASP B 6 6.92 -10.00 -17.96
C ASP B 6 6.83 -8.80 -17.01
N PHE B 7 5.60 -8.49 -16.62
CA PHE B 7 5.36 -7.38 -15.72
C PHE B 7 5.69 -7.75 -14.27
N ARG B 8 6.05 -6.73 -13.48
CA ARG B 8 6.33 -6.90 -12.06
C ARG B 8 5.84 -5.65 -11.33
N ILE B 9 5.33 -5.84 -10.12
CA ILE B 9 4.89 -4.70 -9.33
CA ILE B 9 4.85 -4.74 -9.30
C ILE B 9 5.76 -4.53 -8.10
N GLY B 10 5.89 -3.26 -7.68
CA GLY B 10 6.64 -2.94 -6.47
C GLY B 10 5.85 -1.93 -5.66
N GLN B 11 6.13 -1.91 -4.36
CA GLN B 11 5.43 -1.02 -3.45
C GLN B 11 6.45 -0.44 -2.47
N GLY B 12 6.22 0.80 -2.05
CA GLY B 12 7.18 1.50 -1.21
C GLY B 12 6.50 2.30 -0.11
N TYR B 13 7.23 2.47 0.98
CA TYR B 13 6.77 3.16 2.18
C TYR B 13 7.91 3.98 2.74
N ASP B 14 7.63 5.18 3.22
CA ASP B 14 8.62 5.91 3.99
C ASP B 14 7.92 6.85 4.95
N VAL B 15 8.63 7.24 6.00
CA VAL B 15 8.12 8.22 6.96
C VAL B 15 9.31 8.95 7.55
N HIS B 16 9.10 10.23 7.85
CA HIS B 16 10.14 11.00 8.52
C HIS B 16 9.49 11.94 9.53
N GLN B 17 10.21 12.22 10.61
CA GLN B 17 9.72 13.17 11.60
C GLN B 17 9.78 14.60 11.06
N LEU B 18 8.81 15.39 11.51
CA LEU B 18 8.62 16.76 11.07
C LEU B 18 8.80 17.65 12.31
N VAL B 19 9.87 18.42 12.35
CA VAL B 19 10.14 19.31 13.49
C VAL B 19 10.73 20.62 12.99
N PRO B 20 10.60 21.69 13.78
CA PRO B 20 11.23 22.97 13.42
C PRO B 20 12.74 22.80 13.29
N GLY B 21 13.32 23.54 12.34
CA GLY B 21 14.76 23.66 12.22
C GLY B 21 15.37 23.09 10.97
N ARG B 22 14.60 22.41 10.11
CA ARG B 22 15.07 21.84 8.86
C ARG B 22 14.13 22.24 7.73
N PRO B 23 14.61 22.27 6.49
CA PRO B 23 13.71 22.56 5.38
C PRO B 23 12.78 21.38 5.08
N LEU B 24 11.70 21.68 4.39
CA LEU B 24 10.71 20.68 3.97
C LEU B 24 10.92 20.43 2.47
N ILE B 25 11.42 19.25 2.13
CA ILE B 25 11.69 18.90 0.73
C ILE B 25 10.94 17.62 0.41
N ILE B 26 10.00 17.71 -0.53
CA ILE B 26 9.15 16.58 -0.91
C ILE B 26 9.10 16.53 -2.43
N GLY B 27 9.40 15.36 -3.00
CA GLY B 27 9.43 15.24 -4.45
C GLY B 27 10.40 16.18 -5.12
N GLY B 28 11.52 16.49 -4.46
CA GLY B 28 12.48 17.45 -5.00
C GLY B 28 12.09 18.92 -4.86
N VAL B 29 10.95 19.22 -4.25
CA VAL B 29 10.45 20.60 -4.13
C VAL B 29 10.66 21.08 -2.71
N THR B 30 11.30 22.24 -2.55
CA THR B 30 11.42 22.88 -1.24
C THR B 30 10.16 23.69 -0.98
N ILE B 31 9.51 23.43 0.14
CA ILE B 31 8.20 23.98 0.44
C ILE B 31 8.28 24.84 1.69
N PRO B 32 7.91 26.11 1.65
CA PRO B 32 8.01 26.95 2.85
C PRO B 32 7.14 26.42 3.96
N TYR B 33 7.75 26.24 5.13
CA TYR B 33 7.01 25.71 6.27
C TYR B 33 7.82 25.93 7.54
N GLU B 34 7.13 26.05 8.67
CA GLU B 34 7.80 26.24 9.95
C GLU B 34 8.48 24.96 10.45
N ARG B 35 8.32 23.84 9.76
CA ARG B 35 8.97 22.59 10.14
C ARG B 35 9.52 21.89 8.89
N GLY B 36 10.47 20.97 9.11
CA GLY B 36 11.01 20.18 8.03
C GLY B 36 11.25 18.75 8.48
N LEU B 37 11.62 17.91 7.51
CA LEU B 37 11.75 16.48 7.76
C LEU B 37 13.16 16.13 8.19
N LEU B 38 13.28 15.27 9.21
CA LEU B 38 14.57 14.86 9.75
C LEU B 38 15.04 13.57 9.06
N GLY B 39 16.28 13.58 8.60
CA GLY B 39 16.84 12.42 7.91
C GLY B 39 18.30 12.69 7.63
N HIS B 40 18.92 11.73 6.92
CA HIS B 40 20.36 11.81 6.65
C HIS B 40 20.72 13.10 5.93
N SER B 41 20.02 13.40 4.83
CA SER B 41 20.30 14.60 4.06
C SER B 41 18.99 15.34 3.88
N ASP B 42 18.38 15.29 2.70
CA ASP B 42 17.18 16.09 2.48
C ASP B 42 15.91 15.41 3.00
N ALA B 43 15.99 14.11 3.34
CA ALA B 43 14.86 13.40 3.95
C ALA B 43 13.60 13.41 3.08
N ASP B 44 13.77 13.23 1.77
CA ASP B 44 12.66 13.39 0.83
C ASP B 44 11.82 12.12 0.84
N VAL B 45 10.82 12.11 1.72
CA VAL B 45 10.03 10.91 1.99
C VAL B 45 9.37 10.38 0.72
N LEU B 46 8.93 11.27 -0.19
CA LEU B 46 8.25 10.81 -1.40
C LEU B 46 9.21 10.09 -2.33
N LEU B 47 10.37 10.70 -2.60
CA LEU B 47 11.34 10.05 -3.48
C LEU B 47 11.84 8.74 -2.89
N HIS B 48 11.99 8.68 -1.57
CA HIS B 48 12.43 7.43 -0.95
C HIS B 48 11.41 6.30 -1.18
N ALA B 49 10.12 6.60 -0.98
CA ALA B 49 9.10 5.58 -1.19
C ALA B 49 9.08 5.09 -2.64
N ILE B 50 9.21 6.01 -3.59
CA ILE B 50 9.24 5.62 -5.01
C ILE B 50 10.49 4.79 -5.30
N THR B 51 11.63 5.20 -4.76
CA THR B 51 12.86 4.43 -4.93
C THR B 51 12.67 2.99 -4.44
N ASP B 52 12.11 2.83 -3.25
CA ASP B 52 11.87 1.48 -2.70
C ASP B 52 10.90 0.69 -3.58
N ALA B 53 9.83 1.34 -4.09
CA ALA B 53 8.89 0.63 -4.96
C ALA B 53 9.60 0.14 -6.22
N LEU B 54 10.54 0.93 -6.74
CA LEU B 54 11.23 0.54 -7.97
C LEU B 54 12.21 -0.61 -7.72
N PHE B 55 13.04 -0.51 -6.66
CA PHE B 55 13.86 -1.66 -6.29
C PHE B 55 12.99 -2.91 -6.05
N GLY B 56 11.83 -2.73 -5.43
CA GLY B 56 11.00 -3.89 -5.12
C GLY B 56 10.45 -4.56 -6.37
N ALA B 57 9.96 -3.77 -7.34
CA ALA B 57 9.48 -4.34 -8.60
C ALA B 57 10.59 -5.12 -9.31
N ALA B 58 11.82 -4.65 -9.21
CA ALA B 58 12.94 -5.34 -9.83
C ALA B 58 13.51 -6.46 -8.95
N ALA B 59 12.98 -6.63 -7.74
CA ALA B 59 13.48 -7.63 -6.78
C ALA B 59 14.97 -7.42 -6.52
N LEU B 60 15.36 -6.16 -6.33
CA LEU B 60 16.73 -5.77 -6.04
C LEU B 60 16.95 -5.35 -4.59
N GLY B 61 16.00 -5.56 -3.71
CA GLY B 61 16.16 -5.21 -2.31
C GLY B 61 15.49 -3.88 -2.00
N ASP B 62 16.22 -2.97 -1.37
CA ASP B 62 15.65 -1.70 -0.94
C ASP B 62 16.75 -0.65 -0.84
N ILE B 63 16.36 0.55 -0.40
CA ILE B 63 17.30 1.67 -0.28
C ILE B 63 18.50 1.31 0.59
N GLY B 64 18.25 0.65 1.72
CA GLY B 64 19.34 0.35 2.64
C GLY B 64 20.38 -0.57 2.05
N ARG B 65 19.95 -1.47 1.16
CA ARG B 65 20.90 -2.37 0.51
CA ARG B 65 20.90 -2.37 0.51
C ARG B 65 21.75 -1.65 -0.53
N HIS B 66 21.22 -0.59 -1.14
CA HIS B 66 21.93 0.07 -2.23
C HIS B 66 22.70 1.31 -1.81
N PHE B 67 22.16 2.13 -0.91
CA PHE B 67 22.72 3.44 -0.56
C PHE B 67 22.88 3.55 0.95
N SER B 68 24.00 3.10 1.49
CA SER B 68 24.25 3.25 2.91
C SER B 68 24.64 4.69 3.24
N ASP B 69 24.45 5.06 4.50
CA ASP B 69 24.80 6.41 4.93
C ASP B 69 26.30 6.67 4.84
N THR B 70 27.12 5.64 5.01
CA THR B 70 28.56 5.80 5.08
C THR B 70 29.25 5.77 3.72
N ASP B 71 28.60 5.21 2.70
CA ASP B 71 29.22 5.03 1.39
C ASP B 71 29.68 6.38 0.82
N PRO B 72 30.97 6.55 0.51
CA PRO B 72 31.42 7.84 -0.02
C PRO B 72 30.85 8.21 -1.37
N ARG B 73 30.36 7.25 -2.15
CA ARG B 73 29.77 7.59 -3.44
C ARG B 73 28.43 8.32 -3.26
N PHE B 74 27.73 8.08 -2.15
CA PHE B 74 26.40 8.65 -1.94
C PHE B 74 26.29 9.47 -0.67
N LYS B 75 27.37 9.68 0.07
CA LYS B 75 27.28 10.41 1.33
C LYS B 75 26.73 11.81 1.12
N GLY B 76 27.18 12.51 0.07
CA GLY B 76 26.67 13.82 -0.25
C GLY B 76 25.66 13.84 -1.40
N ALA B 77 24.81 12.83 -1.49
CA ALA B 77 23.84 12.73 -2.57
C ALA B 77 22.45 13.11 -2.08
N ASP B 78 21.74 13.92 -2.86
CA ASP B 78 20.35 14.17 -2.50
C ASP B 78 19.46 13.07 -3.08
N SER B 79 18.18 13.10 -2.70
CA SER B 79 17.34 11.95 -3.00
C SER B 79 17.01 11.84 -4.49
N ARG B 80 17.16 12.92 -5.24
CA ARG B 80 16.97 12.84 -6.70
C ARG B 80 18.13 12.11 -7.36
N ALA B 81 19.36 12.35 -6.89
CA ALA B 81 20.50 11.57 -7.39
C ALA B 81 20.33 10.09 -7.05
N LEU B 82 19.82 9.80 -5.86
CA LEU B 82 19.55 8.40 -5.51
C LEU B 82 18.47 7.81 -6.41
N LEU B 83 17.42 8.58 -6.69
CA LEU B 83 16.35 8.07 -7.55
C LEU B 83 16.88 7.78 -8.95
N ARG B 84 17.75 8.65 -9.48
CA ARG B 84 18.32 8.42 -10.79
C ARG B 84 19.21 7.17 -10.79
N GLU B 85 20.02 6.99 -9.75
CA GLU B 85 20.86 5.79 -9.68
C GLU B 85 20.01 4.54 -9.56
N CYS B 86 18.97 4.59 -8.73
CA CYS B 86 18.00 3.50 -8.64
C CYS B 86 17.47 3.15 -10.03
N ALA B 87 17.01 4.15 -10.77
CA ALA B 87 16.48 3.89 -12.11
C ALA B 87 17.52 3.28 -13.03
N SER B 88 18.79 3.69 -12.92
CA SER B 88 19.83 3.10 -13.75
CA SER B 88 19.84 3.10 -13.74
C SER B 88 20.01 1.62 -13.43
N ARG B 89 19.94 1.27 -12.14
CA ARG B 89 20.14 -0.13 -11.75
C ARG B 89 18.97 -0.98 -12.18
N VAL B 90 17.75 -0.43 -12.08
CA VAL B 90 16.55 -1.12 -12.55
C VAL B 90 16.64 -1.37 -14.05
N ALA B 91 17.08 -0.36 -14.80
CA ALA B 91 17.31 -0.55 -16.24
C ALA B 91 18.33 -1.63 -16.50
N GLN B 92 19.46 -1.61 -15.76
CA GLN B 92 20.52 -2.59 -16.00
C GLN B 92 20.06 -4.00 -15.69
N ALA B 93 19.16 -4.15 -14.72
CA ALA B 93 18.62 -5.45 -14.39
C ALA B 93 17.65 -5.96 -15.43
N GLY B 94 17.30 -5.14 -16.42
CA GLY B 94 16.51 -5.56 -17.56
C GLY B 94 15.09 -5.03 -17.58
N PHE B 95 14.74 -4.09 -16.71
CA PHE B 95 13.36 -3.68 -16.52
C PHE B 95 13.12 -2.28 -17.07
N ALA B 96 12.03 -2.10 -17.80
CA ALA B 96 11.55 -0.79 -18.20
C ALA B 96 10.41 -0.38 -17.26
N ILE B 97 10.43 0.88 -16.82
CA ILE B 97 9.40 1.38 -15.91
C ILE B 97 8.18 1.76 -16.74
N ARG B 98 7.01 1.27 -16.33
CA ARG B 98 5.78 1.61 -17.04
C ARG B 98 4.98 2.72 -16.34
N ASN B 99 4.88 2.73 -15.02
CA ASN B 99 4.25 3.88 -14.36
C ASN B 99 4.53 3.87 -12.87
N VAL B 100 4.32 5.04 -12.25
CA VAL B 100 4.51 5.23 -10.82
C VAL B 100 3.30 5.99 -10.29
N ASP B 101 2.76 5.54 -9.16
CA ASP B 101 1.71 6.27 -8.47
C ASP B 101 2.12 6.38 -7.00
N SER B 102 1.64 7.42 -6.33
CA SER B 102 2.12 7.68 -4.97
C SER B 102 1.14 8.54 -4.20
N THR B 103 1.29 8.50 -2.87
CA THR B 103 0.49 9.32 -1.95
C THR B 103 1.40 9.89 -0.88
N ILE B 104 1.24 11.19 -0.61
CA ILE B 104 1.85 11.86 0.53
C ILE B 104 0.77 12.09 1.56
N ILE B 105 1.03 11.72 2.81
CA ILE B 105 0.11 12.00 3.91
CA ILE B 105 0.11 12.01 3.90
C ILE B 105 0.77 13.03 4.80
N ALA B 106 0.20 14.24 4.84
CA ALA B 106 0.74 15.33 5.66
C ALA B 106 -0.44 16.17 6.13
N GLN B 107 -0.52 16.46 7.42
CA GLN B 107 -1.65 17.26 7.88
C GLN B 107 -1.54 18.69 7.39
N ALA B 108 -0.31 19.16 7.17
CA ALA B 108 -0.01 20.49 6.68
C ALA B 108 1.45 20.49 6.23
N PRO B 109 1.85 21.42 5.35
CA PRO B 109 1.10 22.47 4.67
C PRO B 109 0.33 21.88 3.51
N LYS B 110 -0.42 22.69 2.77
CA LYS B 110 -1.11 22.19 1.60
C LYS B 110 -0.10 21.92 0.49
N LEU B 111 -0.17 20.74 -0.10
CA LEU B 111 0.80 20.30 -1.10
C LEU B 111 0.26 20.37 -2.53
N ALA B 112 -1.05 20.54 -2.72
CA ALA B 112 -1.58 20.61 -4.07
C ALA B 112 -0.85 21.60 -4.99
N PRO B 113 -0.47 22.81 -4.57
CA PRO B 113 0.21 23.72 -5.51
C PRO B 113 1.52 23.18 -6.04
N HIS B 114 2.11 22.19 -5.37
CA HIS B 114 3.43 21.71 -5.73
C HIS B 114 3.43 20.39 -6.49
N ILE B 115 2.25 19.83 -6.78
CA ILE B 115 2.16 18.49 -7.35
C ILE B 115 2.78 18.43 -8.74
N ASP B 116 2.47 19.40 -9.60
CA ASP B 116 3.02 19.36 -10.94
C ASP B 116 4.55 19.43 -10.92
N ALA B 117 5.11 20.22 -10.00
CA ALA B 117 6.57 20.30 -9.90
C ALA B 117 7.16 18.97 -9.47
N MET B 118 6.53 18.30 -8.49
CA MET B 118 7.02 16.99 -8.06
C MET B 118 6.97 15.98 -9.19
N ARG B 119 5.82 15.91 -9.89
CA ARG B 119 5.66 15.02 -11.03
C ARG B 119 6.73 15.28 -12.07
N ALA B 120 7.00 16.56 -12.37
CA ALA B 120 8.03 16.89 -13.36
C ALA B 120 9.41 16.40 -12.91
N ASN B 121 9.75 16.60 -11.64
CA ASN B 121 11.05 16.13 -11.15
C ASN B 121 11.14 14.60 -11.25
N ILE B 122 10.09 13.90 -10.81
CA ILE B 122 10.13 12.44 -10.79
C ILE B 122 10.20 11.91 -12.21
N ALA B 123 9.38 12.46 -13.11
CA ALA B 123 9.38 11.98 -14.49
C ALA B 123 10.72 12.19 -15.16
N ALA B 124 11.35 13.34 -14.93
CA ALA B 124 12.68 13.59 -15.48
C ALA B 124 13.70 12.59 -14.95
N ASP B 125 13.68 12.36 -13.63
CA ASP B 125 14.65 11.45 -13.01
C ASP B 125 14.46 10.01 -13.49
N LEU B 126 13.23 9.61 -13.83
CA LEU B 126 12.95 8.26 -14.30
C LEU B 126 12.92 8.17 -15.82
N ASP B 127 13.18 9.26 -16.53
CA ASP B 127 13.08 9.30 -17.99
C ASP B 127 11.72 8.76 -18.45
N LEU B 128 10.67 9.21 -17.79
CA LEU B 128 9.31 8.81 -18.13
C LEU B 128 8.49 9.97 -18.68
N PRO B 129 7.54 9.69 -19.57
CA PRO B 129 6.52 10.70 -19.91
C PRO B 129 5.77 11.12 -18.67
N LEU B 130 5.39 12.40 -18.63
CA LEU B 130 4.69 12.94 -17.48
CA LEU B 130 4.68 12.95 -17.48
C LEU B 130 3.44 12.13 -17.16
N ASP B 131 2.72 11.66 -18.18
CA ASP B 131 1.44 10.97 -17.93
C ASP B 131 1.62 9.53 -17.42
N ARG B 132 2.84 9.14 -17.06
CA ARG B 132 3.08 7.87 -16.37
C ARG B 132 3.52 8.07 -14.92
N VAL B 133 3.41 9.29 -14.40
CA VAL B 133 3.83 9.60 -13.04
C VAL B 133 2.68 10.34 -12.35
N ASN B 134 2.27 9.83 -11.18
CA ASN B 134 1.20 10.46 -10.42
C ASN B 134 1.59 10.65 -8.97
N VAL B 135 1.19 11.78 -8.39
CA VAL B 135 1.40 12.07 -6.98
C VAL B 135 0.07 12.57 -6.41
N LYS B 136 -0.33 11.99 -5.29
CA LYS B 136 -1.55 12.37 -4.58
C LYS B 136 -1.16 12.87 -3.20
N ALA B 137 -2.00 13.72 -2.61
CA ALA B 137 -1.67 14.29 -1.30
C ALA B 137 -2.91 14.39 -0.44
N LYS B 138 -2.82 13.87 0.80
CA LYS B 138 -3.95 13.76 1.73
C LYS B 138 -3.52 14.26 3.11
N THR B 139 -4.51 14.66 3.92
CA THR B 139 -4.27 14.83 5.36
C THR B 139 -4.49 13.47 6.03
N ASN B 140 -4.29 13.41 7.35
CA ASN B 140 -4.66 12.22 8.10
C ASN B 140 -5.86 12.47 9.02
N GLU B 141 -6.69 13.45 8.68
CA GLU B 141 -7.90 13.77 9.43
C GLU B 141 -7.61 13.94 10.92
N LYS B 142 -6.46 14.54 11.22
CA LYS B 142 -6.04 14.90 12.59
C LYS B 142 -5.88 13.68 13.49
N LEU B 143 -5.70 12.49 12.92
CA LEU B 143 -5.49 11.26 13.69
C LEU B 143 -4.01 10.89 13.75
N GLY B 144 -3.53 10.52 14.93
CA GLY B 144 -2.20 9.96 15.05
C GLY B 144 -1.09 10.98 14.88
N TYR B 145 0.15 10.47 14.91
CA TYR B 145 1.30 11.37 14.77
C TYR B 145 1.28 12.12 13.45
N LEU B 146 0.76 11.50 12.37
CA LEU B 146 0.60 12.24 11.13
C LEU B 146 -0.41 13.37 11.30
N GLY B 147 -1.57 13.05 11.89
CA GLY B 147 -2.59 14.06 12.07
C GLY B 147 -2.21 15.16 13.02
N ARG B 148 -1.27 14.91 13.94
CA ARG B 148 -0.76 15.94 14.82
C ARG B 148 0.43 16.71 14.24
N GLY B 149 0.81 16.41 12.99
CA GLY B 149 1.89 17.15 12.35
C GLY B 149 3.27 16.75 12.79
N GLU B 150 3.44 15.55 13.35
CA GLU B 150 4.71 15.11 13.89
C GLU B 150 5.57 14.37 12.88
N GLY B 151 5.01 14.02 11.73
CA GLY B 151 5.71 13.31 10.68
C GLY B 151 4.95 13.44 9.39
N ILE B 152 5.58 12.98 8.32
CA ILE B 152 4.94 12.91 7.00
C ILE B 152 5.26 11.55 6.43
N GLU B 153 4.26 10.92 5.81
CA GLU B 153 4.41 9.58 5.26
C GLU B 153 4.29 9.65 3.75
N ALA B 154 4.94 8.73 3.04
CA ALA B 154 4.70 8.58 1.62
C ALA B 154 4.53 7.11 1.26
N GLN B 155 3.62 6.84 0.32
CA GLN B 155 3.38 5.50 -0.21
C GLN B 155 3.61 5.56 -1.71
N ALA B 156 4.12 4.47 -2.29
CA ALA B 156 4.34 4.43 -3.73
C ALA B 156 4.04 3.04 -4.30
N ALA B 157 3.61 3.02 -5.54
CA ALA B 157 3.45 1.78 -6.29
C ALA B 157 4.14 1.98 -7.64
N ALA B 158 4.79 0.93 -8.14
CA ALA B 158 5.45 1.02 -9.44
C ALA B 158 5.20 -0.23 -10.24
N LEU B 159 4.96 -0.06 -11.53
CA LEU B 159 4.83 -1.15 -12.47
C LEU B 159 6.00 -1.12 -13.45
N VAL B 160 6.65 -2.26 -13.64
CA VAL B 160 7.78 -2.38 -14.57
C VAL B 160 7.55 -3.61 -15.44
N VAL B 161 8.33 -3.71 -16.52
CA VAL B 161 8.26 -4.88 -17.39
C VAL B 161 9.67 -5.27 -17.78
N ARG B 162 9.98 -6.57 -17.72
CA ARG B 162 11.32 -7.01 -18.08
C ARG B 162 11.39 -7.17 -19.60
N GLU B 163 12.34 -6.49 -20.21
CA GLU B 163 12.47 -6.50 -21.66
C GLU B 163 13.75 -7.22 -22.07
N SER C 4 -1.25 -15.61 -20.03
CA SER C 4 -2.06 -14.74 -20.87
C SER C 4 -1.74 -13.27 -20.63
N MET C 5 -2.75 -12.42 -20.85
CA MET C 5 -2.66 -11.00 -20.56
C MET C 5 -3.64 -10.57 -19.47
N ASP C 6 -4.30 -11.53 -18.79
CA ASP C 6 -5.27 -11.18 -17.74
C ASP C 6 -4.53 -11.07 -16.40
N PHE C 7 -3.81 -9.96 -16.25
CA PHE C 7 -3.10 -9.67 -15.01
C PHE C 7 -4.02 -9.06 -13.96
N ARG C 8 -3.69 -9.32 -12.67
CA ARG C 8 -4.43 -8.77 -11.54
C ARG C 8 -3.44 -8.35 -10.47
N ILE C 9 -3.75 -7.29 -9.71
CA ILE C 9 -2.90 -6.91 -8.60
CA ILE C 9 -2.92 -6.82 -8.60
C ILE C 9 -3.65 -7.06 -7.28
N GLY C 10 -2.86 -7.36 -6.24
CA GLY C 10 -3.38 -7.48 -4.90
C GLY C 10 -2.48 -6.73 -3.94
N GLN C 11 -3.06 -6.30 -2.82
CA GLN C 11 -2.29 -5.59 -1.81
C GLN C 11 -2.66 -6.11 -0.44
N GLY C 12 -1.68 -6.25 0.44
CA GLY C 12 -1.92 -6.84 1.75
C GLY C 12 -1.31 -6.02 2.86
N TYR C 13 -1.91 -6.13 4.03
CA TYR C 13 -1.50 -5.37 5.20
C TYR C 13 -1.65 -6.24 6.44
N ASP C 14 -0.67 -6.20 7.34
CA ASP C 14 -0.87 -6.85 8.63
C ASP C 14 -0.04 -6.13 9.70
N VAL C 15 -0.48 -6.30 10.95
CA VAL C 15 0.26 -5.79 12.09
C VAL C 15 -0.02 -6.72 13.27
N HIS C 16 0.98 -6.91 14.12
CA HIS C 16 0.85 -7.69 15.34
C HIS C 16 1.61 -7.02 16.46
N GLN C 17 1.11 -7.20 17.69
CA GLN C 17 1.81 -6.70 18.86
C GLN C 17 3.03 -7.55 19.18
N LEU C 18 4.06 -6.88 19.71
CA LEU C 18 5.26 -7.53 20.21
C LEU C 18 5.08 -7.78 21.71
N VAL C 19 5.23 -9.04 22.12
CA VAL C 19 4.92 -9.41 23.51
C VAL C 19 6.03 -10.29 24.08
N PRO C 20 6.28 -10.26 25.39
CA PRO C 20 7.27 -11.18 25.95
C PRO C 20 6.81 -12.63 25.84
N GLY C 21 7.79 -13.54 25.91
CA GLY C 21 7.48 -14.96 26.06
C GLY C 21 7.10 -15.71 24.80
N ARG C 22 7.41 -15.17 23.62
CA ARG C 22 7.14 -15.82 22.36
C ARG C 22 8.29 -15.53 21.39
N PRO C 23 8.62 -16.48 20.53
CA PRO C 23 9.68 -16.25 19.54
C PRO C 23 9.26 -15.25 18.48
N LEU C 24 10.23 -14.50 17.98
CA LEU C 24 10.00 -13.56 16.88
C LEU C 24 10.20 -14.30 15.57
N ILE C 25 9.13 -14.47 14.79
CA ILE C 25 9.20 -15.21 13.53
C ILE C 25 8.63 -14.31 12.43
N ILE C 26 9.47 -13.99 11.45
CA ILE C 26 9.09 -13.10 10.35
C ILE C 26 9.61 -13.71 9.06
N GLY C 27 8.73 -13.87 8.06
CA GLY C 27 9.17 -14.50 6.82
C GLY C 27 9.66 -15.91 7.05
N GLY C 28 9.11 -16.60 8.05
CA GLY C 28 9.56 -17.92 8.41
C GLY C 28 10.88 -17.97 9.16
N VAL C 29 11.51 -16.83 9.44
CA VAL C 29 12.83 -16.80 10.07
C VAL C 29 12.66 -16.51 11.55
N THR C 30 13.26 -17.35 12.40
CA THR C 30 13.28 -17.09 13.83
C THR C 30 14.40 -16.13 14.16
N ILE C 31 14.06 -14.97 14.69
CA ILE C 31 15.01 -13.89 14.89
C ILE C 31 15.25 -13.73 16.39
N PRO C 32 16.49 -13.78 16.87
CA PRO C 32 16.73 -13.57 18.29
C PRO C 32 16.22 -12.20 18.73
N TYR C 33 15.42 -12.20 19.79
CA TYR C 33 14.77 -11.00 20.29
C TYR C 33 14.03 -11.34 21.57
N GLU C 34 13.97 -10.39 22.51
CA GLU C 34 13.35 -10.65 23.80
C GLU C 34 11.83 -10.70 23.72
N ARG C 35 11.24 -10.34 22.60
CA ARG C 35 9.80 -10.38 22.42
C ARG C 35 9.48 -11.05 21.10
N GLY C 36 8.23 -11.41 20.93
CA GLY C 36 7.77 -12.00 19.69
C GLY C 36 6.38 -11.49 19.36
N LEU C 37 5.88 -11.90 18.21
CA LEU C 37 4.59 -11.37 17.75
C LEU C 37 3.43 -12.18 18.31
N LEU C 38 2.35 -11.47 18.70
CA LEU C 38 1.19 -12.07 19.34
C LEU C 38 0.13 -12.42 18.30
N GLY C 39 -0.29 -13.67 18.27
CA GLY C 39 -1.34 -14.07 17.35
C GLY C 39 -1.65 -15.54 17.52
N HIS C 40 -2.39 -16.07 16.55
CA HIS C 40 -2.92 -17.43 16.63
C HIS C 40 -1.81 -18.45 16.83
N SER C 41 -0.83 -18.51 15.91
CA SER C 41 0.25 -19.48 16.05
C SER C 41 1.56 -18.71 16.05
N ASP C 42 2.29 -18.66 14.94
CA ASP C 42 3.54 -17.94 14.95
C ASP C 42 3.37 -16.44 14.68
N ALA C 43 2.17 -16.00 14.30
CA ALA C 43 1.88 -14.57 14.11
C ALA C 43 2.87 -13.91 13.14
N ASP C 44 3.24 -14.64 12.08
CA ASP C 44 4.20 -14.17 11.09
C ASP C 44 3.59 -13.05 10.24
N VAL C 45 3.83 -11.80 10.63
CA VAL C 45 3.11 -10.67 10.05
C VAL C 45 3.44 -10.52 8.56
N LEU C 46 4.67 -10.86 8.18
CA LEU C 46 5.06 -10.72 6.78
C LEU C 46 4.36 -11.76 5.91
N LEU C 47 4.34 -13.00 6.37
CA LEU C 47 3.67 -14.02 5.54
C LEU C 47 2.17 -13.76 5.47
N HIS C 48 1.59 -13.23 6.54
CA HIS C 48 0.16 -12.89 6.52
C HIS C 48 -0.13 -11.79 5.52
N ALA C 49 0.73 -10.77 5.45
CA ALA C 49 0.49 -9.69 4.50
C ALA C 49 0.60 -10.18 3.06
N ILE C 50 1.59 -11.02 2.77
CA ILE C 50 1.71 -11.59 1.44
C ILE C 50 0.51 -12.49 1.14
N THR C 51 0.08 -13.28 2.13
CA THR C 51 -1.08 -14.14 1.95
C THR C 51 -2.30 -13.32 1.54
N ASP C 52 -2.54 -12.21 2.24
CA ASP C 52 -3.70 -11.38 1.88
C ASP C 52 -3.54 -10.74 0.51
N ALA C 53 -2.30 -10.33 0.14
CA ALA C 53 -2.12 -9.75 -1.19
C ALA C 53 -2.43 -10.78 -2.27
N LEU C 54 -2.05 -12.04 -2.04
CA LEU C 54 -2.33 -13.09 -3.03
C LEU C 54 -3.83 -13.41 -3.09
N PHE C 55 -4.48 -13.56 -1.94
CA PHE C 55 -5.94 -13.71 -1.98
C PHE C 55 -6.60 -12.52 -2.69
N GLY C 56 -6.11 -11.31 -2.40
CA GLY C 56 -6.71 -10.13 -3.01
C GLY C 56 -6.56 -10.11 -4.52
N ALA C 57 -5.38 -10.47 -5.02
CA ALA C 57 -5.15 -10.45 -6.47
C ALA C 57 -6.06 -11.44 -7.19
N ALA C 58 -6.30 -12.60 -6.58
CA ALA C 58 -7.19 -13.62 -7.15
C ALA C 58 -8.65 -13.37 -6.82
N ALA C 59 -8.96 -12.29 -6.12
CA ALA C 59 -10.33 -11.94 -5.72
C ALA C 59 -10.97 -13.07 -4.91
N LEU C 60 -10.19 -13.61 -3.97
CA LEU C 60 -10.64 -14.71 -3.15
C LEU C 60 -10.97 -14.30 -1.71
N GLY C 61 -11.00 -13.02 -1.39
CA GLY C 61 -11.30 -12.57 -0.04
C GLY C 61 -10.02 -12.29 0.77
N ASP C 62 -9.93 -12.89 1.96
CA ASP C 62 -8.80 -12.60 2.85
C ASP C 62 -8.59 -13.78 3.80
N ILE C 63 -7.57 -13.67 4.65
CA ILE C 63 -7.28 -14.75 5.60
C ILE C 63 -8.50 -15.13 6.42
N GLY C 64 -9.22 -14.11 6.92
CA GLY C 64 -10.38 -14.39 7.77
C GLY C 64 -11.46 -15.19 7.06
N ARG C 65 -11.57 -15.04 5.74
CA ARG C 65 -12.52 -15.85 4.99
C ARG C 65 -12.03 -17.28 4.75
N HIS C 66 -10.72 -17.52 4.80
CA HIS C 66 -10.16 -18.83 4.44
C HIS C 66 -9.73 -19.68 5.63
N PHE C 67 -9.20 -19.06 6.68
CA PHE C 67 -8.50 -19.79 7.73
C PHE C 67 -9.08 -19.39 9.09
N SER C 68 -9.98 -20.21 9.61
CA SER C 68 -10.49 -19.99 10.95
C SER C 68 -9.62 -20.74 11.97
N ASP C 69 -9.75 -20.32 13.23
CA ASP C 69 -9.05 -21.02 14.31
C ASP C 69 -9.56 -22.44 14.50
N THR C 70 -10.73 -22.78 13.94
CA THR C 70 -11.43 -24.02 14.26
C THR C 70 -11.38 -25.10 13.19
N ASP C 71 -10.86 -24.81 12.00
CA ASP C 71 -10.76 -25.85 10.96
C ASP C 71 -9.71 -26.88 11.38
N PRO C 72 -10.07 -28.16 11.50
CA PRO C 72 -9.09 -29.16 11.95
C PRO C 72 -7.90 -29.32 11.01
N ARG C 73 -8.04 -28.98 9.72
CA ARG C 73 -6.89 -29.01 8.83
C ARG C 73 -5.83 -27.99 9.24
N PHE C 74 -6.24 -26.86 9.83
CA PHE C 74 -5.38 -25.70 10.01
C PHE C 74 -5.17 -25.31 11.46
N LYS C 75 -5.57 -26.14 12.42
CA LYS C 75 -5.57 -25.72 13.82
C LYS C 75 -4.16 -25.36 14.28
N GLY C 76 -3.22 -26.28 14.15
CA GLY C 76 -1.87 -25.99 14.56
C GLY C 76 -0.97 -25.39 13.50
N ALA C 77 -1.52 -25.07 12.33
CA ALA C 77 -0.70 -24.73 11.16
C ALA C 77 0.11 -23.45 11.39
N ASP C 78 1.40 -23.52 11.07
CA ASP C 78 2.24 -22.33 11.10
C ASP C 78 1.98 -21.51 9.83
N SER C 79 2.55 -20.31 9.77
CA SER C 79 2.15 -19.42 8.69
C SER C 79 2.70 -19.83 7.33
N ARG C 80 3.73 -20.67 7.29
CA ARG C 80 4.21 -21.13 5.99
C ARG C 80 3.26 -22.16 5.39
N ALA C 81 2.69 -23.04 6.22
CA ALA C 81 1.66 -23.95 5.75
C ALA C 81 0.47 -23.17 5.20
N LEU C 82 0.09 -22.07 5.86
CA LEU C 82 -1.03 -21.27 5.37
C LEU C 82 -0.66 -20.52 4.10
N LEU C 83 0.57 -20.02 3.99
CA LEU C 83 1.01 -19.42 2.73
C LEU C 83 0.95 -20.44 1.60
N ARG C 84 1.41 -21.66 1.88
CA ARG C 84 1.33 -22.70 0.86
C ARG C 84 -0.12 -23.00 0.47
N GLU C 85 -1.01 -23.07 1.44
CA GLU C 85 -2.42 -23.31 1.13
C GLU C 85 -3.00 -22.16 0.31
N CYS C 86 -2.67 -20.94 0.71
CA CYS C 86 -3.05 -19.76 -0.07
C CYS C 86 -2.64 -19.92 -1.53
N ALA C 87 -1.36 -20.24 -1.76
CA ALA C 87 -0.87 -20.41 -3.13
C ALA C 87 -1.64 -21.52 -3.85
N SER C 88 -2.00 -22.56 -3.12
CA SER C 88 -2.79 -23.65 -3.71
C SER C 88 -4.16 -23.15 -4.16
N ARG C 89 -4.82 -22.34 -3.33
CA ARG C 89 -6.15 -21.85 -3.69
C ARG C 89 -6.08 -20.82 -4.81
N VAL C 90 -5.00 -20.06 -4.87
CA VAL C 90 -4.82 -19.13 -5.98
C VAL C 90 -4.73 -19.89 -7.29
N ALA C 91 -3.93 -20.97 -7.29
CA ALA C 91 -3.80 -21.81 -8.48
C ALA C 91 -5.14 -22.46 -8.82
N GLN C 92 -5.85 -22.91 -7.79
CA GLN C 92 -7.14 -23.57 -8.00
C GLN C 92 -8.10 -22.65 -8.73
N ALA C 93 -8.02 -21.35 -8.46
CA ALA C 93 -8.87 -20.38 -9.12
C ALA C 93 -8.41 -20.03 -10.53
N GLY C 94 -7.27 -20.58 -10.97
CA GLY C 94 -6.79 -20.38 -12.32
C GLY C 94 -5.74 -19.29 -12.49
N PHE C 95 -5.09 -18.87 -11.42
CA PHE C 95 -4.07 -17.82 -11.47
C PHE C 95 -2.69 -18.40 -11.25
N ALA C 96 -1.71 -17.77 -11.87
CA ALA C 96 -0.30 -18.05 -11.66
C ALA C 96 0.33 -16.81 -11.04
N ILE C 97 1.22 -17.00 -10.07
CA ILE C 97 1.84 -15.85 -9.40
C ILE C 97 3.01 -15.35 -10.24
N ARG C 98 3.06 -14.03 -10.47
CA ARG C 98 4.18 -13.48 -11.22
C ARG C 98 5.25 -12.83 -10.35
N ASN C 99 4.87 -12.06 -9.32
CA ASN C 99 5.89 -11.57 -8.40
C ASN C 99 5.23 -11.08 -7.12
N VAL C 100 6.05 -10.99 -6.06
CA VAL C 100 5.64 -10.47 -4.76
C VAL C 100 6.70 -9.47 -4.30
N ASP C 101 6.25 -8.34 -3.78
CA ASP C 101 7.12 -7.38 -3.12
C ASP C 101 6.52 -7.08 -1.76
N SER C 102 7.37 -6.68 -0.81
CA SER C 102 6.87 -6.49 0.55
C SER C 102 7.78 -5.55 1.32
N THR C 103 7.25 -5.04 2.43
CA THR C 103 8.00 -4.18 3.35
C THR C 103 7.64 -4.59 4.78
N ILE C 104 8.67 -4.77 5.63
CA ILE C 104 8.50 -4.94 7.07
C ILE C 104 8.84 -3.60 7.73
N ILE C 105 8.00 -3.16 8.67
CA ILE C 105 8.29 -1.94 9.42
C ILE C 105 8.51 -2.35 10.87
N ALA C 106 9.75 -2.24 11.33
CA ALA C 106 10.08 -2.62 12.70
C ALA C 106 11.16 -1.69 13.20
N GLN C 107 10.96 -1.11 14.38
CA GLN C 107 11.99 -0.25 14.93
C GLN C 107 13.18 -1.07 15.42
N ALA C 108 12.93 -2.31 15.82
CA ALA C 108 13.94 -3.24 16.29
C ALA C 108 13.35 -4.63 16.24
N PRO C 109 14.17 -5.68 16.13
CA PRO C 109 15.62 -5.73 15.94
C PRO C 109 16.01 -5.47 14.50
N LYS C 110 17.30 -5.45 14.22
CA LYS C 110 17.75 -5.29 12.85
C LYS C 110 17.36 -6.51 12.03
N LEU C 111 16.73 -6.27 10.89
CA LEU C 111 16.26 -7.36 10.07
C LEU C 111 17.15 -7.64 8.86
N ALA C 112 18.05 -6.72 8.50
CA ALA C 112 18.91 -6.92 7.34
C ALA C 112 19.61 -8.27 7.30
N PRO C 113 20.16 -8.82 8.40
CA PRO C 113 20.80 -10.14 8.33
C PRO C 113 19.88 -11.27 7.92
N HIS C 114 18.57 -11.07 8.02
CA HIS C 114 17.60 -12.14 7.88
C HIS C 114 16.79 -12.07 6.59
N ILE C 115 16.97 -11.00 5.80
CA ILE C 115 16.12 -10.74 4.63
C ILE C 115 16.27 -11.85 3.61
N ASP C 116 17.52 -12.23 3.28
CA ASP C 116 17.72 -13.25 2.25
C ASP C 116 17.02 -14.55 2.61
N ALA C 117 17.08 -14.96 3.88
CA ALA C 117 16.43 -16.20 4.27
C ALA C 117 14.92 -16.09 4.13
N MET C 118 14.35 -14.93 4.45
CA MET C 118 12.91 -14.70 4.27
C MET C 118 12.52 -14.84 2.81
N ARG C 119 13.27 -14.18 1.94
CA ARG C 119 13.03 -14.28 0.51
C ARG C 119 13.10 -15.72 0.03
N ALA C 120 14.09 -16.47 0.51
CA ALA C 120 14.22 -17.86 0.08
C ALA C 120 13.04 -18.70 0.57
N ASN C 121 12.60 -18.46 1.82
CA ASN C 121 11.44 -19.17 2.36
C ASN C 121 10.18 -18.88 1.54
N ILE C 122 9.91 -17.60 1.27
CA ILE C 122 8.73 -17.21 0.49
C ILE C 122 8.79 -17.82 -0.91
N ALA C 123 9.95 -17.71 -1.57
CA ALA C 123 10.08 -18.26 -2.91
C ALA C 123 9.82 -19.77 -2.92
N ALA C 124 10.33 -20.49 -1.91
CA ALA C 124 10.08 -21.92 -1.87
C ALA C 124 8.59 -22.20 -1.65
N ASP C 125 7.95 -21.47 -0.74
CA ASP C 125 6.54 -21.73 -0.44
C ASP C 125 5.64 -21.40 -1.61
N LEU C 126 6.02 -20.42 -2.43
CA LEU C 126 5.21 -20.00 -3.57
C LEU C 126 5.65 -20.66 -4.88
N ASP C 127 6.65 -21.54 -4.83
CA ASP C 127 7.21 -22.17 -6.03
C ASP C 127 7.61 -21.10 -7.05
N LEU C 128 8.37 -20.12 -6.59
CA LEU C 128 8.84 -19.03 -7.43
C LEU C 128 10.36 -18.97 -7.42
N PRO C 129 10.98 -18.46 -8.49
CA PRO C 129 12.41 -18.20 -8.43
C PRO C 129 12.67 -16.98 -7.56
N LEU C 130 13.89 -16.91 -7.02
CA LEU C 130 14.23 -15.84 -6.10
C LEU C 130 14.01 -14.46 -6.69
N ASP C 131 14.24 -14.30 -8.00
CA ASP C 131 14.20 -12.98 -8.60
C ASP C 131 12.77 -12.49 -8.83
N ARG C 132 11.77 -13.21 -8.34
CA ARG C 132 10.38 -12.75 -8.36
C ARG C 132 9.83 -12.50 -6.97
N VAL C 133 10.68 -12.49 -5.95
CA VAL C 133 10.29 -12.25 -4.56
C VAL C 133 11.20 -11.18 -3.98
N ASN C 134 10.59 -10.21 -3.28
CA ASN C 134 11.37 -9.14 -2.68
C ASN C 134 10.82 -8.81 -1.30
N VAL C 135 11.74 -8.57 -0.37
CA VAL C 135 11.43 -8.17 1.01
C VAL C 135 12.29 -6.95 1.34
N LYS C 136 11.64 -5.88 1.81
CA LYS C 136 12.28 -4.64 2.21
C LYS C 136 12.01 -4.43 3.70
N ALA C 137 12.90 -3.70 4.38
CA ALA C 137 12.75 -3.51 5.82
C ALA C 137 13.09 -2.08 6.20
N LYS C 138 12.21 -1.46 6.96
CA LYS C 138 12.27 -0.05 7.37
C LYS C 138 12.06 0.04 8.87
N THR C 139 12.57 1.13 9.48
CA THR C 139 12.10 1.50 10.80
C THR C 139 10.88 2.39 10.64
N ASN C 140 10.31 2.85 11.76
CA ASN C 140 9.30 3.89 11.67
C ASN C 140 9.77 5.22 12.22
N GLU C 141 11.10 5.44 12.27
CA GLU C 141 11.67 6.72 12.71
C GLU C 141 11.14 7.13 14.07
N LYS C 142 10.94 6.13 14.94
CA LYS C 142 10.50 6.29 16.32
C LYS C 142 9.12 6.94 16.44
N LEU C 143 8.30 6.91 15.39
CA LEU C 143 6.95 7.45 15.44
C LEU C 143 5.90 6.38 15.72
N GLY C 144 4.96 6.71 16.63
CA GLY C 144 3.80 5.88 16.85
C GLY C 144 4.13 4.55 17.51
N TYR C 145 3.11 3.67 17.57
CA TYR C 145 3.30 2.38 18.21
C TYR C 145 4.41 1.56 17.53
N LEU C 146 4.55 1.68 16.21
CA LEU C 146 5.68 1.01 15.56
C LEU C 146 7.01 1.56 16.05
N GLY C 147 7.13 2.89 16.11
CA GLY C 147 8.37 3.52 16.56
C GLY C 147 8.68 3.26 18.02
N ARG C 148 7.66 3.01 18.84
CA ARG C 148 7.91 2.66 20.23
C ARG C 148 8.16 1.17 20.43
N GLY C 149 8.13 0.37 19.37
CA GLY C 149 8.40 -1.04 19.52
C GLY C 149 7.24 -1.83 20.06
N GLU C 150 6.02 -1.33 19.90
CA GLU C 150 4.84 -2.02 20.40
C GLU C 150 4.30 -3.06 19.42
N GLY C 151 4.70 -2.97 18.16
CA GLY C 151 4.24 -3.90 17.16
C GLY C 151 5.13 -3.85 15.95
N ILE C 152 4.86 -4.74 15.00
CA ILE C 152 5.57 -4.79 13.72
C ILE C 152 4.52 -4.90 12.62
N GLU C 153 4.68 -4.09 11.58
CA GLU C 153 3.75 -4.04 10.45
C GLU C 153 4.41 -4.67 9.23
N ALA C 154 3.61 -5.28 8.36
CA ALA C 154 4.08 -5.68 7.04
C ALA C 154 3.08 -5.25 5.98
N GLN C 155 3.62 -4.94 4.81
CA GLN C 155 2.88 -4.54 3.62
C GLN C 155 3.30 -5.46 2.50
N ALA C 156 2.39 -5.77 1.58
CA ALA C 156 2.79 -6.60 0.46
C ALA C 156 1.99 -6.24 -0.78
N ALA C 157 2.59 -6.52 -1.94
CA ALA C 157 1.95 -6.35 -3.23
C ALA C 157 2.23 -7.61 -4.04
N ALA C 158 1.25 -8.05 -4.81
CA ALA C 158 1.42 -9.26 -5.60
C ALA C 158 0.80 -9.07 -6.96
N LEU C 159 1.49 -9.56 -7.99
CA LEU C 159 0.97 -9.61 -9.35
C LEU C 159 0.71 -11.06 -9.72
N VAL C 160 -0.49 -11.35 -10.22
CA VAL C 160 -0.82 -12.69 -10.74
C VAL C 160 -1.38 -12.54 -12.14
N VAL C 161 -1.51 -13.67 -12.84
CA VAL C 161 -2.13 -13.67 -14.16
C VAL C 161 -3.03 -14.90 -14.26
N ARG C 162 -4.18 -14.73 -14.90
CA ARG C 162 -5.11 -15.84 -15.13
CA ARG C 162 -5.10 -15.84 -15.12
C ARG C 162 -4.76 -16.49 -16.45
N GLU C 163 -4.28 -17.72 -16.40
CA GLU C 163 -3.91 -18.45 -17.60
C GLU C 163 -5.03 -19.40 -18.03
ZN ZN D . -12.35 10.18 2.45
C01 K4Y E . -10.20 15.94 -0.51
C03 K4Y E . -10.19 13.61 0.15
C05 K4Y E . -10.25 11.39 0.67
C07 K4Y E . -12.00 12.69 1.32
C12 K4Y E . -14.73 14.46 0.59
C13 K4Y E . -15.22 15.73 0.37
C14 K4Y E . -15.67 16.09 -0.87
C15 K4Y E . -15.67 15.16 -1.91
C17 K4Y E . -15.19 13.86 -1.67
C18 K4Y E . -14.74 13.52 -0.42
C19 K4Y E . -11.42 13.81 0.76
N04 K4Y E . -9.61 12.41 0.12
N06 K4Y E . -11.40 11.49 1.30
N08 K4Y E . -13.20 12.69 1.96
N16 K4Y E . -16.11 15.51 -3.14
O02 K4Y E . -9.55 14.63 -0.43
O10 K4Y E . -13.41 15.27 2.83
O11 K4Y E . -15.52 13.52 2.95
S09 K4Y E . -14.22 14.05 2.24
S DMS F . -13.70 -5.60 11.23
O DMS F . -14.68 -6.63 10.75
C1 DMS F . -13.93 -5.38 13.01
C2 DMS F . -12.15 -6.51 11.23
S DMS G . -11.71 7.57 -25.48
O DMS G . -11.67 8.56 -24.37
C1 DMS G . -12.11 8.42 -27.03
C2 DMS G . -10.03 7.01 -25.83
MG MG H . -0.32 3.21 8.45
ZN ZN I . 13.33 8.39 3.92
C01 K4Y J . 18.02 3.45 4.55
C03 K4Y J . 15.84 4.42 4.09
C05 K4Y J . 13.85 5.39 3.63
C07 K4Y J . 15.52 6.72 4.41
C12 K4Y J . 18.54 8.05 4.26
C13 K4Y J . 19.55 7.16 4.55
C14 K4Y J . 20.50 6.86 3.60
C15 K4Y J . 20.45 7.48 2.35
C17 K4Y J . 19.44 8.40 2.08
C18 K4Y J . 18.49 8.68 3.04
C19 K4Y J . 16.38 5.64 4.48
N04 K4Y J . 14.60 4.29 3.68
N06 K4Y J . 14.26 6.58 3.99
N08 K4Y J . 15.89 8.01 4.71
N16 K4Y J . 21.39 7.19 1.40
O02 K4Y J . 16.62 3.33 4.16
O10 K4Y J . 17.62 7.51 6.75
O11 K4Y J . 17.37 10.02 5.69
S09 K4Y J . 17.34 8.45 5.51
S DMS K . -2.04 18.03 1.50
O DMS K . -1.63 19.01 0.46
C1 DMS K . -1.78 18.70 3.17
C2 DMS K . -3.86 17.91 1.47
C1 MLA L . -0.29 7.10 15.89
O1A MLA L . 0.09 7.97 16.71
O1B MLA L . -0.37 7.29 14.66
C2 MLA L . -0.66 5.72 16.39
C3 MLA L . -0.61 5.69 17.90
O3A MLA L . 0.39 5.20 18.48
O3B MLA L . -1.61 6.15 18.51
ZN ZN M . -1.42 -11.68 11.01
C01 K4Y N . -8.00 -13.51 10.77
C03 K4Y N . -5.97 -12.36 10.10
C05 K4Y N . -4.03 -11.36 9.46
C07 K4Y N . -3.97 -12.76 11.25
C12 K4Y N . -4.32 -15.71 12.62
C13 K4Y N . -5.65 -16.05 12.80
C14 K4Y N . -6.17 -17.13 12.16
C15 K4Y N . -5.37 -17.91 11.31
C17 K4Y N . -4.03 -17.55 11.16
C18 K4Y N . -3.51 -16.46 11.81
C19 K4Y N . -5.32 -13.01 11.15
N04 K4Y N . -5.34 -11.54 9.28
N06 K4Y N . -3.34 -11.92 10.41
N08 K4Y N . -3.16 -13.30 12.20
N16 K4Y N . -5.88 -18.99 10.67
O02 K4Y N . -7.29 -12.55 9.94
O10 K4Y N . -4.84 -13.64 14.29
O11 K4Y N . -2.38 -14.82 14.25
S09 K4Y N . -3.66 -14.31 13.50
S DMS O . 14.82 -3.19 10.68
O DMS O . 16.03 -3.94 10.24
C1 DMS O . 15.10 -2.49 12.33
C2 DMS O . 14.80 -1.66 9.72
#